data_1K8B
#
_entry.id   1K8B
#
_entity_poly.entity_id   1
_entity_poly.type   'polypeptide(L)'
_entity_poly.pdbx_seq_one_letter_code
;EILIEGNRTIIRNFRELAKAVNRDEEFFAKYLLKETGSAGNLEGGRLILQRR
;
_entity_poly.pdbx_strand_id   A
#
# COMPACT_ATOMS: atom_id res chain seq x y z
N GLU A 1 6.22 10.44 -3.51
CA GLU A 1 6.28 9.06 -3.06
C GLU A 1 5.16 8.75 -2.06
N ILE A 2 5.35 9.21 -0.83
CA ILE A 2 4.35 8.99 0.22
C ILE A 2 3.65 10.29 0.59
N LEU A 3 2.33 10.25 0.66
CA LEU A 3 1.55 11.44 1.02
C LEU A 3 0.54 11.08 2.10
N ILE A 4 0.43 11.89 3.13
CA ILE A 4 -0.54 11.59 4.18
C ILE A 4 -1.51 12.74 4.41
N GLU A 5 -2.79 12.39 4.45
CA GLU A 5 -3.86 13.35 4.70
C GLU A 5 -4.79 12.75 5.74
N GLY A 6 -5.22 13.54 6.71
CA GLY A 6 -6.14 13.02 7.72
C GLY A 6 -5.55 11.83 8.47
N ASN A 7 -5.75 10.62 7.94
CA ASN A 7 -5.25 9.41 8.60
C ASN A 7 -4.83 8.32 7.59
N ARG A 8 -5.05 8.56 6.31
CA ARG A 8 -4.70 7.60 5.27
C ARG A 8 -3.57 8.16 4.39
N THR A 9 -2.60 7.32 4.04
CA THR A 9 -1.50 7.74 3.18
C THR A 9 -1.40 6.82 1.97
N ILE A 10 -1.19 7.40 0.81
CA ILE A 10 -1.02 6.63 -0.42
C ILE A 10 0.43 6.71 -0.90
N ILE A 11 0.97 5.57 -1.34
CA ILE A 11 2.33 5.55 -1.86
C ILE A 11 2.38 5.07 -3.30
N ARG A 12 3.12 5.80 -4.11
CA ARG A 12 3.28 5.47 -5.51
C ARG A 12 4.38 4.43 -5.66
N ASN A 13 4.18 3.27 -5.01
CA ASN A 13 5.16 2.21 -5.05
C ASN A 13 4.93 1.29 -6.24
N PHE A 14 4.32 1.81 -7.28
CA PHE A 14 4.01 1.03 -8.47
C PHE A 14 5.16 0.12 -8.92
N ARG A 15 6.41 0.59 -8.97
CA ARG A 15 7.50 -0.28 -9.42
C ARG A 15 7.40 -1.68 -8.77
N GLU A 16 7.74 -1.71 -7.48
CA GLU A 16 7.65 -2.93 -6.69
C GLU A 16 6.28 -3.55 -6.91
N LEU A 17 5.26 -2.70 -6.82
CA LEU A 17 3.88 -3.11 -7.01
C LEU A 17 3.72 -3.97 -8.26
N ALA A 18 4.24 -3.54 -9.40
CA ALA A 18 4.13 -4.30 -10.64
C ALA A 18 4.59 -5.73 -10.41
N LYS A 19 5.81 -5.85 -9.88
CA LYS A 19 6.33 -7.19 -9.57
C LYS A 19 5.31 -7.90 -8.67
N ALA A 20 4.91 -7.16 -7.65
CA ALA A 20 3.93 -7.64 -6.69
C ALA A 20 2.69 -8.18 -7.38
N VAL A 21 2.13 -7.43 -8.33
CA VAL A 21 0.91 -7.87 -9.01
C VAL A 21 1.06 -9.28 -9.49
N ASN A 22 2.14 -9.57 -10.20
CA ASN A 22 2.40 -10.93 -10.67
C ASN A 22 2.23 -11.90 -9.49
N ARG A 23 2.60 -11.44 -8.30
CA ARG A 23 2.46 -12.26 -7.09
C ARG A 23 1.37 -11.72 -6.16
N ASP A 24 0.37 -11.03 -6.73
CA ASP A 24 -0.73 -10.42 -5.97
C ASP A 24 -0.31 -9.05 -5.45
N GLU A 25 -0.33 -8.09 -6.36
CA GLU A 25 -0.02 -6.69 -6.03
C GLU A 25 -0.95 -6.27 -4.94
N GLU A 26 -2.20 -6.64 -5.16
CA GLU A 26 -3.24 -6.32 -4.20
C GLU A 26 -2.80 -6.74 -2.80
N PHE A 27 -2.45 -8.01 -2.71
CA PHE A 27 -1.97 -8.59 -1.48
C PHE A 27 -0.86 -7.75 -0.87
N PHE A 28 0.15 -7.37 -1.69
CA PHE A 28 1.25 -6.61 -1.14
C PHE A 28 0.79 -5.38 -0.35
N ALA A 29 0.15 -4.38 -0.99
CA ALA A 29 -0.24 -3.19 -0.26
C ALA A 29 -0.75 -3.63 1.10
N LYS A 30 -1.61 -4.65 1.12
CA LYS A 30 -2.07 -5.18 2.40
C LYS A 30 -0.87 -5.30 3.35
N TYR A 31 0.21 -5.90 2.85
CA TYR A 31 1.46 -6.08 3.61
C TYR A 31 1.85 -4.82 4.33
N LEU A 32 1.94 -3.71 3.60
CA LEU A 32 2.29 -2.44 4.21
C LEU A 32 1.51 -2.29 5.50
N LEU A 33 0.21 -2.57 5.40
CA LEU A 33 -0.68 -2.54 6.54
C LEU A 33 -0.24 -3.58 7.55
N LYS A 34 0.00 -4.80 7.06
CA LYS A 34 0.45 -5.88 7.91
C LYS A 34 1.62 -5.40 8.77
N GLU A 35 2.57 -4.76 8.11
CA GLU A 35 3.75 -4.23 8.79
C GLU A 35 3.35 -3.25 9.89
N THR A 36 2.49 -2.29 9.54
CA THR A 36 2.03 -1.28 10.50
C THR A 36 1.08 -1.89 11.52
N GLY A 37 -0.13 -2.25 11.08
CA GLY A 37 -1.09 -2.85 11.98
C GLY A 37 -2.47 -2.19 11.88
N SER A 38 -2.50 -0.87 11.73
CA SER A 38 -3.76 -0.14 11.64
C SER A 38 -4.65 -0.72 10.54
N ALA A 39 -4.67 -0.09 9.36
CA ALA A 39 -5.48 -0.57 8.24
C ALA A 39 -4.74 -0.35 6.94
N GLY A 40 -5.02 -1.16 5.92
CA GLY A 40 -4.31 -0.99 4.66
C GLY A 40 -5.21 -0.95 3.45
N ASN A 41 -4.71 -0.32 2.39
CA ASN A 41 -5.42 -0.19 1.13
C ASN A 41 -4.50 -0.61 -0.01
N LEU A 42 -5.03 -1.35 -0.97
CA LEU A 42 -4.26 -1.78 -2.13
C LEU A 42 -4.97 -1.36 -3.42
N GLU A 43 -4.20 -0.86 -4.37
CA GLU A 43 -4.74 -0.46 -5.66
C GLU A 43 -3.88 -1.10 -6.74
N GLY A 44 -4.48 -1.61 -7.80
CA GLY A 44 -3.68 -2.18 -8.87
C GLY A 44 -2.64 -1.24 -9.49
N GLY A 45 -1.56 -0.90 -8.75
CA GLY A 45 -0.51 -0.04 -9.30
C GLY A 45 0.22 0.83 -8.29
N ARG A 46 -0.42 1.02 -7.19
CA ARG A 46 0.05 1.82 -6.09
C ARG A 46 -0.25 1.05 -4.81
N LEU A 47 0.65 1.17 -3.86
CA LEU A 47 0.47 0.56 -2.54
C LEU A 47 0.13 1.68 -1.55
N ILE A 48 -0.84 1.44 -0.70
CA ILE A 48 -1.24 2.44 0.28
C ILE A 48 -1.17 1.87 1.70
N LEU A 49 -0.67 2.68 2.62
CA LEU A 49 -0.63 2.28 4.02
C LEU A 49 -1.42 3.29 4.83
N GLN A 50 -2.22 2.79 5.76
CA GLN A 50 -3.01 3.64 6.62
C GLN A 50 -2.54 3.53 8.07
N ARG A 51 -1.81 4.54 8.52
CA ARG A 51 -1.27 4.56 9.87
C ARG A 51 -2.38 4.41 10.91
N ARG A 52 -2.01 4.52 12.19
CA ARG A 52 -2.97 4.38 13.27
C ARG A 52 -3.70 5.70 13.51
N GLU A 1 7.17 9.80 -2.50
CA GLU A 1 6.47 8.56 -2.79
C GLU A 1 5.33 8.34 -1.80
N ILE A 2 5.47 8.90 -0.60
CA ILE A 2 4.45 8.76 0.43
C ILE A 2 3.72 10.09 0.65
N LEU A 3 2.40 10.03 0.69
CA LEU A 3 1.59 11.22 0.93
C LEU A 3 0.58 10.94 2.02
N ILE A 4 0.44 11.84 3.00
CA ILE A 4 -0.52 11.62 4.06
C ILE A 4 -1.54 12.74 4.17
N GLU A 5 -2.80 12.34 4.24
CA GLU A 5 -3.92 13.27 4.39
C GLU A 5 -4.83 12.73 5.47
N GLY A 6 -5.32 13.59 6.37
CA GLY A 6 -6.21 13.12 7.41
C GLY A 6 -5.59 12.02 8.26
N ASN A 7 -5.75 10.76 7.83
CA ASN A 7 -5.20 9.63 8.58
C ASN A 7 -4.75 8.48 7.66
N ARG A 8 -4.99 8.60 6.36
CA ARG A 8 -4.61 7.57 5.39
C ARG A 8 -3.49 8.09 4.48
N THR A 9 -2.50 7.24 4.21
CA THR A 9 -1.40 7.61 3.33
C THR A 9 -1.32 6.64 2.16
N ILE A 10 -1.09 7.18 0.97
CA ILE A 10 -0.94 6.36 -0.23
C ILE A 10 0.51 6.39 -0.70
N ILE A 11 1.03 5.23 -1.10
CA ILE A 11 2.38 5.16 -1.62
C ILE A 11 2.38 4.77 -3.08
N ARG A 12 3.11 5.54 -3.86
CA ARG A 12 3.22 5.29 -5.28
C ARG A 12 4.37 4.33 -5.56
N ASN A 13 4.30 3.16 -4.94
CA ASN A 13 5.34 2.16 -5.13
C ASN A 13 5.06 1.28 -6.33
N PHE A 14 4.30 1.82 -7.27
CA PHE A 14 3.91 1.08 -8.46
C PHE A 14 5.03 0.25 -9.10
N ARG A 15 6.25 0.73 -9.22
CA ARG A 15 7.30 -0.11 -9.85
C ARG A 15 7.39 -1.51 -9.19
N GLU A 16 8.01 -1.53 -8.02
CA GLU A 16 8.17 -2.77 -7.24
C GLU A 16 6.82 -3.45 -7.13
N LEU A 17 5.82 -2.67 -6.77
CA LEU A 17 4.46 -3.15 -6.64
C LEU A 17 4.05 -3.94 -7.87
N ALA A 18 4.34 -3.39 -9.05
CA ALA A 18 4.00 -3.99 -10.33
C ALA A 18 4.40 -5.44 -10.34
N LYS A 19 5.68 -5.71 -10.10
CA LYS A 19 6.13 -7.09 -10.05
C LYS A 19 5.23 -7.85 -9.07
N ALA A 20 5.07 -7.21 -7.92
CA ALA A 20 4.22 -7.73 -6.88
C ALA A 20 2.85 -8.13 -7.44
N VAL A 21 2.22 -7.25 -8.22
CA VAL A 21 0.90 -7.55 -8.76
C VAL A 21 0.87 -8.90 -9.42
N ASN A 22 1.86 -9.18 -10.28
CA ASN A 22 1.91 -10.47 -10.94
C ASN A 22 1.68 -11.54 -9.88
N ARG A 23 2.22 -11.28 -8.69
CA ARG A 23 1.98 -12.21 -7.58
C ARG A 23 0.57 -11.97 -7.00
N ASP A 24 0.40 -10.79 -6.40
CA ASP A 24 -0.84 -10.32 -5.81
C ASP A 24 -0.63 -8.92 -5.27
N GLU A 25 -0.68 -7.95 -6.19
CA GLU A 25 -0.51 -6.53 -5.84
C GLU A 25 -1.41 -6.25 -4.70
N GLU A 26 -2.61 -6.79 -4.85
CA GLU A 26 -3.63 -6.62 -3.84
C GLU A 26 -3.09 -7.04 -2.48
N PHE A 27 -2.65 -8.29 -2.43
CA PHE A 27 -2.08 -8.88 -1.24
C PHE A 27 -0.98 -7.98 -0.66
N PHE A 28 -0.05 -7.52 -1.50
CA PHE A 28 1.04 -6.72 -0.97
C PHE A 28 0.57 -5.51 -0.14
N ALA A 29 -0.10 -4.52 -0.77
CA ALA A 29 -0.49 -3.34 -0.03
C ALA A 29 -1.00 -3.78 1.33
N LYS A 30 -1.85 -4.80 1.34
CA LYS A 30 -2.33 -5.34 2.62
C LYS A 30 -1.14 -5.44 3.58
N TYR A 31 -0.03 -6.02 3.11
CA TYR A 31 1.21 -6.17 3.89
C TYR A 31 1.59 -4.87 4.56
N LEU A 32 1.64 -3.79 3.79
CA LEU A 32 1.96 -2.49 4.34
C LEU A 32 1.20 -2.32 5.64
N LEU A 33 -0.09 -2.63 5.57
CA LEU A 33 -0.96 -2.56 6.73
C LEU A 33 -0.50 -3.59 7.75
N LYS A 34 -0.26 -4.83 7.29
CA LYS A 34 0.22 -5.89 8.16
C LYS A 34 1.38 -5.37 9.00
N GLU A 35 2.32 -4.72 8.34
CA GLU A 35 3.48 -4.16 9.01
C GLU A 35 3.07 -3.07 9.99
N THR A 36 2.24 -2.13 9.52
CA THR A 36 1.78 -1.04 10.36
C THR A 36 0.89 -1.53 11.50
N GLY A 37 -0.31 -2.00 11.15
CA GLY A 37 -1.22 -2.51 12.17
C GLY A 37 -2.61 -1.91 12.06
N SER A 38 -2.68 -0.61 11.83
CA SER A 38 -3.97 0.08 11.73
C SER A 38 -4.86 -0.56 10.66
N ALA A 39 -4.80 -0.07 9.43
CA ALA A 39 -5.60 -0.62 8.34
C ALA A 39 -4.92 -0.36 7.01
N GLY A 40 -5.13 -1.21 6.01
CA GLY A 40 -4.46 -1.00 4.74
C GLY A 40 -5.39 -1.08 3.54
N ASN A 41 -4.98 -0.40 2.48
CA ASN A 41 -5.74 -0.36 1.23
C ASN A 41 -4.81 -0.69 0.06
N LEU A 42 -5.27 -1.50 -0.87
CA LEU A 42 -4.48 -1.85 -2.04
C LEU A 42 -5.16 -1.33 -3.31
N GLU A 43 -4.36 -0.77 -4.20
CA GLU A 43 -4.86 -0.29 -5.48
C GLU A 43 -4.03 -0.91 -6.59
N GLY A 44 -4.66 -1.34 -7.67
CA GLY A 44 -3.90 -1.90 -8.77
C GLY A 44 -2.85 -0.96 -9.37
N GLY A 45 -1.79 -0.64 -8.62
CA GLY A 45 -0.74 0.23 -9.15
C GLY A 45 0.11 0.92 -8.09
N ARG A 46 -0.51 1.16 -6.98
CA ARG A 46 0.06 1.82 -5.84
C ARG A 46 -0.36 1.02 -4.61
N LEU A 47 0.53 0.97 -3.65
CA LEU A 47 0.24 0.30 -2.37
C LEU A 47 0.02 1.41 -1.34
N ILE A 48 -1.03 1.27 -0.53
CA ILE A 48 -1.36 2.27 0.48
C ILE A 48 -1.32 1.69 1.90
N LEU A 49 -0.78 2.48 2.82
CA LEU A 49 -0.75 2.11 4.23
C LEU A 49 -1.46 3.18 5.02
N GLN A 50 -2.29 2.76 5.96
CA GLN A 50 -3.01 3.70 6.81
C GLN A 50 -2.58 3.55 8.26
N ARG A 51 -1.79 4.52 8.72
CA ARG A 51 -1.27 4.52 10.09
C ARG A 51 -0.42 5.76 10.34
N ARG A 52 0.75 5.80 9.72
CA ARG A 52 1.67 6.93 9.88
C ARG A 52 1.84 7.31 11.35
N GLU A 1 6.72 9.70 -3.60
CA GLU A 1 6.84 8.44 -2.87
C GLU A 1 5.69 8.25 -1.89
N ILE A 2 5.81 8.82 -0.70
CA ILE A 2 4.76 8.72 0.31
C ILE A 2 4.14 10.08 0.57
N LEU A 3 2.81 10.13 0.62
CA LEU A 3 2.09 11.38 0.87
C LEU A 3 1.05 11.17 1.95
N ILE A 4 0.97 12.07 2.92
CA ILE A 4 -0.03 11.93 3.96
C ILE A 4 -0.99 13.11 3.98
N GLU A 5 -2.26 12.80 4.01
CA GLU A 5 -3.33 13.80 4.08
C GLU A 5 -4.34 13.35 5.13
N GLY A 6 -4.80 14.26 5.96
CA GLY A 6 -5.79 13.89 6.97
C GLY A 6 -5.31 12.73 7.85
N ASN A 7 -5.60 11.50 7.44
CA ASN A 7 -5.19 10.31 8.22
C ASN A 7 -4.78 9.13 7.34
N ARG A 8 -4.93 9.26 6.02
CA ARG A 8 -4.57 8.20 5.08
C ARG A 8 -3.37 8.65 4.23
N THR A 9 -2.43 7.73 4.00
CA THR A 9 -1.28 8.03 3.17
C THR A 9 -1.21 7.02 2.04
N ILE A 10 -0.90 7.50 0.84
CA ILE A 10 -0.74 6.65 -0.33
C ILE A 10 0.70 6.68 -0.80
N ILE A 11 1.24 5.52 -1.16
CA ILE A 11 2.59 5.48 -1.70
C ILE A 11 2.61 4.85 -3.08
N ARG A 12 3.15 5.63 -4.01
CA ARG A 12 3.26 5.22 -5.40
C ARG A 12 4.38 4.21 -5.57
N ASN A 13 4.23 3.05 -4.93
CA ASN A 13 5.22 2.00 -5.03
C ASN A 13 4.94 1.10 -6.22
N PHE A 14 4.17 1.63 -7.17
CA PHE A 14 3.77 0.87 -8.34
C PHE A 14 4.89 0.07 -9.01
N ARG A 15 6.10 0.60 -9.18
CA ARG A 15 7.15 -0.21 -9.84
C ARG A 15 7.22 -1.64 -9.25
N GLU A 16 7.80 -1.72 -8.06
CA GLU A 16 7.91 -2.99 -7.36
C GLU A 16 6.56 -3.68 -7.32
N LEU A 17 5.54 -2.91 -6.96
CA LEU A 17 4.18 -3.40 -6.88
C LEU A 17 3.80 -4.16 -8.15
N ALA A 18 4.06 -3.59 -9.32
CA ALA A 18 3.73 -4.23 -10.59
C ALA A 18 4.22 -5.66 -10.56
N LYS A 19 5.50 -5.81 -10.24
CA LYS A 19 6.06 -7.16 -10.12
C LYS A 19 5.15 -7.93 -9.16
N ALA A 20 4.88 -7.29 -8.04
CA ALA A 20 4.01 -7.82 -7.02
C ALA A 20 2.68 -8.32 -7.59
N VAL A 21 2.01 -7.49 -8.41
CA VAL A 21 0.71 -7.90 -8.96
C VAL A 21 0.79 -9.27 -9.54
N ASN A 22 1.78 -9.51 -10.40
CA ASN A 22 1.96 -10.83 -10.98
C ASN A 22 1.93 -11.87 -9.87
N ARG A 23 2.46 -11.49 -8.71
CA ARG A 23 2.48 -12.38 -7.54
C ARG A 23 1.46 -11.93 -6.47
N ASP A 24 0.42 -11.21 -6.89
CA ASP A 24 -0.61 -10.69 -5.97
C ASP A 24 -0.19 -9.34 -5.38
N GLU A 25 -0.32 -8.31 -6.20
CA GLU A 25 0.00 -6.93 -5.79
C GLU A 25 -0.91 -6.61 -4.63
N GLU A 26 -2.16 -7.01 -4.81
CA GLU A 26 -3.18 -6.80 -3.80
C GLU A 26 -2.64 -7.24 -2.45
N PHE A 27 -2.09 -8.45 -2.46
CA PHE A 27 -1.51 -9.05 -1.28
C PHE A 27 -0.49 -8.11 -0.65
N PHE A 28 0.43 -7.55 -1.46
CA PHE A 28 1.46 -6.71 -0.89
C PHE A 28 0.91 -5.48 -0.13
N ALA A 29 0.22 -4.52 -0.79
CA ALA A 29 -0.23 -3.35 -0.05
C ALA A 29 -0.74 -3.81 1.31
N LYS A 30 -1.54 -4.87 1.31
CA LYS A 30 -2.02 -5.44 2.55
C LYS A 30 -0.85 -5.52 3.55
N TYR A 31 0.27 -6.06 3.08
CA TYR A 31 1.50 -6.20 3.88
C TYR A 31 1.78 -4.93 4.66
N LEU A 32 1.87 -3.81 3.95
CA LEU A 32 2.13 -2.54 4.63
C LEU A 32 1.20 -2.44 5.83
N LEU A 33 -0.08 -2.72 5.59
CA LEU A 33 -1.07 -2.72 6.66
C LEU A 33 -0.62 -3.70 7.73
N LYS A 34 -0.25 -4.91 7.29
CA LYS A 34 0.24 -5.93 8.21
C LYS A 34 1.29 -5.33 9.13
N GLU A 35 2.23 -4.63 8.51
CA GLU A 35 3.32 -3.98 9.26
C GLU A 35 2.78 -2.85 10.14
N THR A 36 1.98 -1.97 9.56
CA THR A 36 1.43 -0.84 10.29
C THR A 36 0.46 -1.31 11.39
N GLY A 37 -0.69 -1.83 10.98
CA GLY A 37 -1.66 -2.31 11.95
C GLY A 37 -3.01 -1.62 11.83
N SER A 38 -3.00 -0.34 11.49
CA SER A 38 -4.24 0.42 11.35
C SER A 38 -5.12 -0.16 10.22
N ALA A 39 -5.00 0.38 9.00
CA ALA A 39 -5.79 -0.13 7.89
C ALA A 39 -5.10 0.16 6.57
N GLY A 40 -5.11 -0.78 5.63
CA GLY A 40 -4.44 -0.56 4.36
C GLY A 40 -5.30 -0.86 3.14
N ASN A 41 -5.11 -0.09 2.08
CA ASN A 41 -5.86 -0.24 0.84
C ASN A 41 -4.92 -0.27 -0.37
N LEU A 42 -5.19 -1.16 -1.32
CA LEU A 42 -4.39 -1.25 -2.54
C LEU A 42 -5.25 -0.80 -3.73
N GLU A 43 -4.68 0.01 -4.63
CA GLU A 43 -5.46 0.44 -5.80
C GLU A 43 -4.63 0.26 -7.07
N GLY A 44 -5.23 -0.25 -8.12
CA GLY A 44 -4.52 -0.38 -9.40
C GLY A 44 -3.08 -0.93 -9.31
N GLY A 45 -2.15 -0.15 -8.75
CA GLY A 45 -0.74 -0.60 -8.69
C GLY A 45 0.12 0.15 -7.69
N ARG A 46 -0.52 0.94 -6.90
CA ARG A 46 0.03 1.72 -5.84
C ARG A 46 -0.36 1.02 -4.56
N LEU A 47 0.52 1.09 -3.61
CA LEU A 47 0.26 0.51 -2.29
C LEU A 47 -0.04 1.66 -1.34
N ILE A 48 -1.05 1.50 -0.49
CA ILE A 48 -1.42 2.56 0.45
C ILE A 48 -1.46 2.04 1.87
N LEU A 49 -0.93 2.84 2.79
CA LEU A 49 -0.97 2.53 4.20
C LEU A 49 -1.60 3.69 4.93
N GLN A 50 -2.48 3.37 5.85
CA GLN A 50 -3.15 4.36 6.66
C GLN A 50 -2.87 4.14 8.13
N ARG A 51 -2.01 5.00 8.69
CA ARG A 51 -1.63 4.91 10.09
C ARG A 51 -2.82 5.28 10.98
N ARG A 52 -2.76 4.84 12.24
CA ARG A 52 -3.82 5.14 13.20
C ARG A 52 -4.14 6.63 13.22
N GLU A 1 7.06 10.49 -2.18
CA GLU A 1 6.54 9.16 -2.47
C GLU A 1 5.30 8.85 -1.64
N ILE A 2 5.39 9.14 -0.34
CA ILE A 2 4.27 8.90 0.57
C ILE A 2 3.68 10.23 1.05
N LEU A 3 2.35 10.33 1.01
CA LEU A 3 1.67 11.55 1.45
C LEU A 3 0.51 11.19 2.37
N ILE A 4 0.38 11.88 3.49
CA ILE A 4 -0.72 11.60 4.40
C ILE A 4 -1.63 12.80 4.59
N GLU A 5 -2.93 12.55 4.45
CA GLU A 5 -3.95 13.58 4.63
C GLU A 5 -5.05 13.00 5.53
N GLY A 6 -5.53 13.78 6.47
CA GLY A 6 -6.61 13.30 7.33
C GLY A 6 -6.21 12.06 8.11
N ASN A 7 -6.51 10.87 7.57
CA ASN A 7 -6.19 9.61 8.26
C ASN A 7 -5.74 8.51 7.29
N ARG A 8 -5.62 8.84 6.01
CA ARG A 8 -5.20 7.88 4.99
C ARG A 8 -3.98 8.40 4.24
N THR A 9 -3.00 7.54 3.98
CA THR A 9 -1.83 7.93 3.22
C THR A 9 -1.69 7.05 1.98
N ILE A 10 -1.36 7.66 0.86
CA ILE A 10 -1.16 6.92 -0.38
C ILE A 10 0.30 7.04 -0.82
N ILE A 11 0.89 5.94 -1.27
CA ILE A 11 2.25 5.99 -1.76
C ILE A 11 2.37 5.37 -3.14
N ARG A 12 2.97 6.14 -4.04
CA ARG A 12 3.16 5.70 -5.41
C ARG A 12 4.25 4.63 -5.48
N ASN A 13 3.99 3.49 -4.86
CA ASN A 13 4.94 2.40 -4.86
C ASN A 13 4.73 1.50 -6.06
N PHE A 14 4.17 2.05 -7.12
CA PHE A 14 3.89 1.30 -8.33
C PHE A 14 5.03 0.37 -8.75
N ARG A 15 6.27 0.81 -8.74
CA ARG A 15 7.38 -0.08 -9.16
C ARG A 15 7.21 -1.47 -8.52
N GLU A 16 7.47 -1.53 -7.23
CA GLU A 16 7.32 -2.77 -6.46
C GLU A 16 5.94 -3.34 -6.74
N LEU A 17 4.94 -2.47 -6.68
CA LEU A 17 3.55 -2.84 -6.90
C LEU A 17 3.39 -3.69 -8.17
N ALA A 18 3.96 -3.26 -9.29
CA ALA A 18 3.87 -3.99 -10.54
C ALA A 18 4.35 -5.42 -10.35
N LYS A 19 5.58 -5.56 -9.87
CA LYS A 19 6.11 -6.90 -9.61
C LYS A 19 5.10 -7.64 -8.73
N ALA A 20 4.70 -6.95 -7.67
CA ALA A 20 3.74 -7.46 -6.74
C ALA A 20 2.50 -7.99 -7.44
N VAL A 21 1.90 -7.21 -8.35
CA VAL A 21 0.68 -7.68 -9.02
C VAL A 21 0.86 -9.06 -9.56
N ASN A 22 1.95 -9.30 -10.31
CA ASN A 22 2.21 -10.63 -10.83
C ASN A 22 2.08 -11.65 -9.71
N ARG A 23 2.45 -11.24 -8.49
CA ARG A 23 2.34 -12.12 -7.33
C ARG A 23 1.31 -11.60 -6.32
N ASP A 24 0.28 -10.90 -6.81
CA ASP A 24 -0.76 -10.30 -5.96
C ASP A 24 -0.35 -8.91 -5.49
N GLU A 25 -0.46 -7.95 -6.41
CA GLU A 25 -0.15 -6.55 -6.10
C GLU A 25 -0.93 -6.17 -4.88
N GLU A 26 -2.18 -6.61 -4.95
CA GLU A 26 -3.11 -6.37 -3.87
C GLU A 26 -2.49 -6.85 -2.56
N PHE A 27 -1.99 -8.07 -2.59
CA PHE A 27 -1.34 -8.67 -1.45
C PHE A 27 -0.26 -7.74 -0.89
N PHE A 28 0.61 -7.22 -1.77
CA PHE A 28 1.68 -6.38 -1.28
C PHE A 28 1.18 -5.19 -0.43
N ALA A 29 0.38 -4.26 -0.99
CA ALA A 29 -0.05 -3.13 -0.19
C ALA A 29 -0.40 -3.63 1.20
N LYS A 30 -1.14 -4.73 1.25
CA LYS A 30 -1.47 -5.35 2.54
C LYS A 30 -0.21 -5.37 3.41
N TYR A 31 0.91 -5.85 2.84
CA TYR A 31 2.20 -5.90 3.53
C TYR A 31 2.45 -4.61 4.28
N LEU A 32 2.31 -3.48 3.59
CA LEU A 32 2.49 -2.20 4.25
C LEU A 32 1.72 -2.23 5.57
N LEU A 33 0.47 -2.69 5.47
CA LEU A 33 -0.37 -2.85 6.64
C LEU A 33 0.30 -3.80 7.62
N LYS A 34 0.76 -4.94 7.11
CA LYS A 34 1.45 -5.91 7.95
C LYS A 34 2.53 -5.20 8.75
N GLU A 35 3.31 -4.39 8.05
CA GLU A 35 4.40 -3.64 8.68
C GLU A 35 3.88 -2.77 9.84
N THR A 36 2.92 -1.90 9.54
CA THR A 36 2.34 -1.02 10.57
C THR A 36 1.42 -1.77 11.51
N GLY A 37 0.25 -2.18 10.99
CA GLY A 37 -0.70 -2.90 11.81
C GLY A 37 -2.08 -2.30 11.81
N SER A 38 -2.16 -0.98 11.62
CA SER A 38 -3.44 -0.28 11.60
C SER A 38 -4.37 -0.86 10.52
N ALA A 39 -4.54 -0.13 9.42
CA ALA A 39 -5.39 -0.60 8.32
C ALA A 39 -4.69 -0.35 7.00
N GLY A 40 -4.89 -1.21 6.01
CA GLY A 40 -4.22 -1.02 4.74
C GLY A 40 -5.13 -1.09 3.53
N ASN A 41 -4.73 -0.40 2.47
CA ASN A 41 -5.49 -0.36 1.23
C ASN A 41 -4.57 -0.65 0.05
N LEU A 42 -5.03 -1.45 -0.89
CA LEU A 42 -4.26 -1.77 -2.10
C LEU A 42 -4.99 -1.28 -3.34
N GLU A 43 -4.24 -0.69 -4.27
CA GLU A 43 -4.81 -0.23 -5.52
C GLU A 43 -3.98 -0.80 -6.65
N GLY A 44 -4.60 -1.25 -7.73
CA GLY A 44 -3.82 -1.77 -8.84
C GLY A 44 -2.77 -0.83 -9.43
N GLY A 45 -1.66 -0.58 -8.70
CA GLY A 45 -0.58 0.27 -9.25
C GLY A 45 0.13 1.15 -8.23
N ARG A 46 -0.51 1.29 -7.12
CA ARG A 46 -0.08 2.10 -6.00
C ARG A 46 -0.35 1.30 -4.74
N LEU A 47 0.53 1.44 -3.78
CA LEU A 47 0.35 0.80 -2.48
C LEU A 47 -0.07 1.90 -1.50
N ILE A 48 -1.03 1.63 -0.65
CA ILE A 48 -1.50 2.61 0.32
C ILE A 48 -1.40 2.09 1.74
N LEU A 49 -0.93 2.94 2.64
CA LEU A 49 -0.86 2.58 4.05
C LEU A 49 -1.72 3.54 4.85
N GLN A 50 -2.47 2.99 5.79
CA GLN A 50 -3.30 3.80 6.67
C GLN A 50 -2.81 3.69 8.10
N ARG A 51 -2.13 4.73 8.56
CA ARG A 51 -1.57 4.77 9.90
C ARG A 51 -2.61 5.24 10.92
N ARG A 52 -3.55 6.05 10.47
CA ARG A 52 -4.59 6.57 11.35
C ARG A 52 -5.84 5.69 11.30
N GLU A 1 7.04 10.48 -2.51
CA GLU A 1 6.36 9.25 -2.89
C GLU A 1 5.24 8.91 -1.91
N ILE A 2 5.42 9.34 -0.65
CA ILE A 2 4.43 9.07 0.39
C ILE A 2 3.71 10.36 0.77
N LEU A 3 2.38 10.30 0.85
CA LEU A 3 1.58 11.46 1.22
C LEU A 3 0.57 11.09 2.29
N ILE A 4 0.47 11.92 3.32
CA ILE A 4 -0.48 11.64 4.38
C ILE A 4 -1.58 12.71 4.46
N GLU A 5 -2.82 12.24 4.50
CA GLU A 5 -3.98 13.11 4.60
C GLU A 5 -4.91 12.52 5.65
N GLY A 6 -5.47 13.34 6.53
CA GLY A 6 -6.38 12.83 7.53
C GLY A 6 -5.80 11.67 8.31
N ASN A 7 -6.04 10.44 7.85
CA ASN A 7 -5.54 9.24 8.54
C ASN A 7 -5.03 8.16 7.57
N ARG A 8 -5.24 8.36 6.27
CA ARG A 8 -4.81 7.42 5.25
C ARG A 8 -3.67 8.03 4.43
N THR A 9 -2.65 7.22 4.12
CA THR A 9 -1.52 7.67 3.31
C THR A 9 -1.38 6.76 2.10
N ILE A 10 -1.13 7.37 0.95
CA ILE A 10 -0.92 6.62 -0.29
C ILE A 10 0.51 6.80 -0.76
N ILE A 11 1.16 5.72 -1.20
CA ILE A 11 2.51 5.82 -1.71
C ILE A 11 2.63 5.20 -3.09
N ARG A 12 3.26 5.93 -3.99
CA ARG A 12 3.47 5.48 -5.36
C ARG A 12 4.56 4.43 -5.42
N ASN A 13 4.26 3.25 -4.87
CA ASN A 13 5.23 2.16 -4.87
C ASN A 13 4.97 1.19 -6.01
N PHE A 14 4.42 1.71 -7.10
CA PHE A 14 4.08 0.88 -8.25
C PHE A 14 5.17 -0.12 -8.64
N ARG A 15 6.45 0.25 -8.66
CA ARG A 15 7.50 -0.71 -9.04
C ARG A 15 7.27 -2.06 -8.36
N GLU A 16 7.51 -2.08 -7.06
CA GLU A 16 7.30 -3.28 -6.26
C GLU A 16 5.92 -3.83 -6.56
N LEU A 17 4.95 -2.92 -6.56
CA LEU A 17 3.57 -3.27 -6.83
C LEU A 17 3.43 -4.13 -8.08
N ALA A 18 4.05 -3.73 -9.19
CA ALA A 18 3.98 -4.51 -10.42
C ALA A 18 4.33 -5.95 -10.15
N LYS A 19 5.49 -6.16 -9.53
CA LYS A 19 5.90 -7.52 -9.18
C LYS A 19 4.83 -8.15 -8.31
N ALA A 20 4.44 -7.41 -7.29
CA ALA A 20 3.41 -7.85 -6.35
C ALA A 20 2.15 -8.31 -7.08
N VAL A 21 1.64 -7.50 -8.00
CA VAL A 21 0.41 -7.86 -8.71
C VAL A 21 0.49 -9.25 -9.25
N ASN A 22 1.56 -9.56 -9.98
CA ASN A 22 1.73 -10.91 -10.51
C ASN A 22 1.51 -11.92 -9.39
N ARG A 23 1.88 -11.54 -8.17
CA ARG A 23 1.70 -12.42 -7.02
C ARG A 23 0.66 -11.85 -6.03
N ASP A 24 -0.29 -11.08 -6.56
CA ASP A 24 -1.34 -10.42 -5.74
C ASP A 24 -0.84 -9.08 -5.21
N GLU A 25 -0.85 -8.09 -6.10
CA GLU A 25 -0.45 -6.73 -5.76
C GLU A 25 -1.27 -6.30 -4.58
N GLU A 26 -2.54 -6.61 -4.73
CA GLU A 26 -3.52 -6.29 -3.70
C GLU A 26 -2.99 -6.76 -2.35
N PHE A 27 -2.57 -8.01 -2.35
CA PHE A 27 -1.99 -8.63 -1.18
C PHE A 27 -0.86 -7.79 -0.62
N PHE A 28 0.07 -7.35 -1.48
CA PHE A 28 1.19 -6.58 -0.98
C PHE A 28 0.77 -5.35 -0.16
N ALA A 29 0.11 -4.34 -0.77
CA ALA A 29 -0.22 -3.15 0.01
C ALA A 29 -0.69 -3.59 1.39
N LYS A 30 -1.56 -4.59 1.42
CA LYS A 30 -2.00 -5.12 2.70
C LYS A 30 -0.80 -5.27 3.64
N TYR A 31 0.28 -5.89 3.12
CA TYR A 31 1.54 -6.09 3.86
C TYR A 31 1.96 -4.82 4.56
N LEU A 32 2.09 -3.74 3.81
CA LEU A 32 2.47 -2.46 4.39
C LEU A 32 1.67 -2.25 5.66
N LEU A 33 0.36 -2.49 5.53
CA LEU A 33 -0.56 -2.40 6.66
C LEU A 33 -0.10 -3.38 7.73
N LYS A 34 0.16 -4.62 7.31
CA LYS A 34 0.63 -5.65 8.21
C LYS A 34 1.77 -5.11 9.06
N GLU A 35 2.73 -4.48 8.39
CA GLU A 35 3.89 -3.90 9.06
C GLU A 35 3.47 -3.00 10.22
N THR A 36 2.67 -1.99 9.91
CA THR A 36 2.20 -1.06 10.94
C THR A 36 1.20 -1.71 11.89
N GLY A 37 0.10 -2.21 11.34
CA GLY A 37 -0.91 -2.86 12.16
C GLY A 37 -2.22 -2.10 12.20
N SER A 38 -2.55 -1.43 11.11
CA SER A 38 -3.79 -0.66 11.03
C SER A 38 -4.69 -1.21 9.92
N ALA A 39 -4.67 -0.57 8.74
CA ALA A 39 -5.48 -1.04 7.61
C ALA A 39 -4.80 -0.68 6.31
N GLY A 40 -4.82 -1.57 5.31
CA GLY A 40 -4.15 -1.26 4.06
C GLY A 40 -5.01 -1.47 2.83
N ASN A 41 -4.83 -0.60 1.85
CA ASN A 41 -5.59 -0.66 0.59
C ASN A 41 -4.64 -0.56 -0.61
N LEU A 42 -4.90 -1.37 -1.64
CA LEU A 42 -4.10 -1.32 -2.86
C LEU A 42 -4.93 -0.89 -4.05
N GLU A 43 -4.35 -0.04 -4.89
CA GLU A 43 -5.00 0.39 -6.12
C GLU A 43 -4.10 -0.06 -7.26
N GLY A 44 -4.64 -0.57 -8.34
CA GLY A 44 -3.81 -1.00 -9.45
C GLY A 44 -2.71 0.00 -9.90
N GLY A 45 -1.62 0.15 -9.10
CA GLY A 45 -0.53 1.04 -9.51
C GLY A 45 0.25 1.71 -8.38
N ARG A 46 -0.36 1.70 -7.24
CA ARG A 46 0.15 2.31 -6.04
C ARG A 46 -0.18 1.39 -4.87
N LEU A 47 0.70 1.40 -3.90
CA LEU A 47 0.49 0.67 -2.65
C LEU A 47 0.12 1.72 -1.59
N ILE A 48 -0.88 1.45 -0.77
CA ILE A 48 -1.30 2.40 0.25
C ILE A 48 -1.31 1.79 1.64
N LEU A 49 -0.81 2.55 2.60
CA LEU A 49 -0.83 2.13 3.99
C LEU A 49 -1.56 3.17 4.79
N GLN A 50 -2.42 2.71 5.68
CA GLN A 50 -3.18 3.60 6.54
C GLN A 50 -2.83 3.37 8.00
N ARG A 51 -2.05 4.30 8.54
CA ARG A 51 -1.62 4.24 9.94
C ARG A 51 -2.27 5.36 10.74
N ARG A 52 -2.11 5.31 12.06
CA ARG A 52 -2.68 6.33 12.94
C ARG A 52 -1.86 7.61 12.88
N GLU A 1 7.83 8.87 -1.85
CA GLU A 1 6.57 8.61 -2.54
C GLU A 1 5.45 8.35 -1.54
N ILE A 2 5.61 8.81 -0.30
CA ILE A 2 4.60 8.63 0.73
C ILE A 2 3.93 9.95 1.06
N LEU A 3 2.60 9.95 1.11
CA LEU A 3 1.84 11.16 1.44
C LEU A 3 0.82 10.84 2.51
N ILE A 4 0.71 11.68 3.54
CA ILE A 4 -0.28 11.43 4.58
C ILE A 4 -1.28 12.57 4.68
N GLU A 5 -2.56 12.19 4.70
CA GLU A 5 -3.65 13.14 4.83
C GLU A 5 -4.62 12.59 5.85
N GLY A 6 -5.12 13.43 6.75
CA GLY A 6 -6.08 12.95 7.74
C GLY A 6 -5.55 11.78 8.54
N ASN A 7 -5.78 10.55 8.07
CA ASN A 7 -5.33 9.35 8.77
C ASN A 7 -4.87 8.23 7.82
N ARG A 8 -5.04 8.43 6.52
CA ARG A 8 -4.64 7.44 5.51
C ARG A 8 -3.49 8.00 4.66
N THR A 9 -2.50 7.15 4.37
CA THR A 9 -1.39 7.55 3.52
C THR A 9 -1.33 6.65 2.30
N ILE A 10 -1.08 7.26 1.15
CA ILE A 10 -0.94 6.53 -0.11
C ILE A 10 0.51 6.56 -0.57
N ILE A 11 1.01 5.42 -1.05
CA ILE A 11 2.35 5.36 -1.58
C ILE A 11 2.36 5.00 -3.05
N ARG A 12 3.07 5.81 -3.81
CA ARG A 12 3.19 5.60 -5.24
C ARG A 12 4.35 4.65 -5.51
N ASN A 13 4.31 3.50 -4.86
CA ASN A 13 5.35 2.50 -5.02
C ASN A 13 5.04 1.53 -6.14
N PHE A 14 4.32 2.01 -7.14
CA PHE A 14 3.92 1.17 -8.26
C PHE A 14 5.04 0.27 -8.78
N ARG A 15 6.27 0.74 -8.93
CA ARG A 15 7.34 -0.13 -9.44
C ARG A 15 7.32 -1.52 -8.77
N GLU A 16 7.77 -1.57 -7.53
CA GLU A 16 7.78 -2.81 -6.75
C GLU A 16 6.41 -3.45 -6.83
N LEU A 17 5.39 -2.64 -6.61
CA LEU A 17 4.01 -3.10 -6.64
C LEU A 17 3.73 -3.91 -7.90
N ALA A 18 4.11 -3.41 -9.07
CA ALA A 18 3.90 -4.10 -10.33
C ALA A 18 4.39 -5.52 -10.23
N LYS A 19 5.64 -5.68 -9.82
CA LYS A 19 6.19 -7.02 -9.64
C LYS A 19 5.24 -7.79 -8.71
N ALA A 20 4.92 -7.12 -7.61
CA ALA A 20 4.00 -7.66 -6.63
C ALA A 20 2.70 -8.16 -7.27
N VAL A 21 2.08 -7.35 -8.13
CA VAL A 21 0.82 -7.75 -8.73
C VAL A 21 0.92 -9.13 -9.33
N ASN A 22 1.95 -9.37 -10.14
CA ASN A 22 2.15 -10.69 -10.71
C ASN A 22 2.06 -11.74 -9.60
N ARG A 23 2.54 -11.36 -8.41
CA ARG A 23 2.51 -12.26 -7.25
C ARG A 23 1.46 -11.82 -6.23
N ASP A 24 0.44 -11.07 -6.69
CA ASP A 24 -0.62 -10.55 -5.82
C ASP A 24 -0.23 -9.20 -5.22
N GLU A 25 -0.33 -8.17 -6.05
CA GLU A 25 -0.05 -6.79 -5.62
C GLU A 25 -0.97 -6.50 -4.48
N GLU A 26 -2.20 -6.92 -4.70
CA GLU A 26 -3.25 -6.77 -3.70
C GLU A 26 -2.69 -7.19 -2.36
N PHE A 27 -2.07 -8.37 -2.37
CA PHE A 27 -1.43 -8.92 -1.21
C PHE A 27 -0.45 -7.93 -0.60
N PHE A 28 0.43 -7.33 -1.43
CA PHE A 28 1.41 -6.41 -0.87
C PHE A 28 0.78 -5.29 -0.03
N ALA A 29 0.00 -4.36 -0.64
CA ALA A 29 -0.54 -3.28 0.16
C ALA A 29 -0.98 -3.83 1.50
N LYS A 30 -1.66 -4.98 1.48
CA LYS A 30 -2.05 -5.62 2.73
C LYS A 30 -0.85 -5.59 3.68
N TYR A 31 0.32 -6.00 3.18
CA TYR A 31 1.58 -5.99 3.93
C TYR A 31 1.72 -4.69 4.69
N LEU A 32 1.54 -3.58 3.98
CA LEU A 32 1.61 -2.27 4.61
C LEU A 32 0.85 -2.32 5.92
N LEU A 33 -0.35 -2.87 5.84
CA LEU A 33 -1.20 -3.04 7.02
C LEU A 33 -0.53 -4.02 7.96
N LYS A 34 -0.10 -5.17 7.42
CA LYS A 34 0.58 -6.18 8.23
C LYS A 34 1.66 -5.51 9.08
N GLU A 35 2.47 -4.68 8.44
CA GLU A 35 3.54 -3.97 9.13
C GLU A 35 2.98 -2.86 10.01
N THR A 36 2.12 -2.02 9.43
CA THR A 36 1.53 -0.91 10.15
C THR A 36 0.69 -1.41 11.34
N GLY A 37 -0.44 -2.03 11.05
CA GLY A 37 -1.29 -2.54 12.11
C GLY A 37 -2.73 -2.06 11.97
N SER A 38 -2.91 -0.79 11.65
CA SER A 38 -4.24 -0.21 11.51
C SER A 38 -5.02 -0.93 10.41
N ALA A 39 -4.83 -0.51 9.16
CA ALA A 39 -5.51 -1.12 8.02
C ALA A 39 -4.81 -0.75 6.73
N GLY A 40 -4.94 -1.58 5.70
CA GLY A 40 -4.28 -1.29 4.43
C GLY A 40 -5.20 -1.38 3.23
N ASN A 41 -4.93 -0.56 2.23
CA ASN A 41 -5.73 -0.53 1.01
C ASN A 41 -4.85 -0.60 -0.23
N LEU A 42 -5.24 -1.38 -1.22
CA LEU A 42 -4.48 -1.48 -2.45
C LEU A 42 -5.23 -0.86 -3.62
N GLU A 43 -4.50 -0.12 -4.45
CA GLU A 43 -5.05 0.48 -5.66
C GLU A 43 -4.25 -0.09 -6.83
N GLY A 44 -4.90 -0.42 -7.92
CA GLY A 44 -4.18 -0.93 -9.08
C GLY A 44 -3.03 -0.04 -9.57
N GLY A 45 -1.91 0.06 -8.81
CA GLY A 45 -0.77 0.85 -9.27
C GLY A 45 0.08 1.46 -8.16
N ARG A 46 -0.51 1.62 -7.04
CA ARG A 46 0.08 2.18 -5.86
C ARG A 46 -0.34 1.30 -4.69
N LEU A 47 0.56 1.20 -3.74
CA LEU A 47 0.25 0.45 -2.51
C LEU A 47 0.02 1.51 -1.42
N ILE A 48 -1.03 1.33 -0.63
CA ILE A 48 -1.37 2.30 0.42
C ILE A 48 -1.32 1.69 1.81
N LEU A 49 -0.78 2.45 2.75
CA LEU A 49 -0.73 2.04 4.14
C LEU A 49 -1.51 3.04 4.97
N GLN A 50 -2.31 2.54 5.89
CA GLN A 50 -3.08 3.40 6.77
C GLN A 50 -2.67 3.18 8.23
N ARG A 51 -1.90 4.13 8.76
CA ARG A 51 -1.42 4.04 10.13
C ARG A 51 -2.28 4.87 11.08
N ARG A 52 -3.45 5.28 10.61
CA ARG A 52 -4.37 6.08 11.43
C ARG A 52 -3.76 7.44 11.79
N GLU A 1 6.71 9.67 -3.28
CA GLU A 1 6.63 8.31 -2.78
C GLU A 1 5.52 8.14 -1.76
N ILE A 2 5.69 8.74 -0.58
CA ILE A 2 4.70 8.65 0.48
C ILE A 2 4.00 9.99 0.69
N LEU A 3 2.67 9.97 0.77
CA LEU A 3 1.90 11.18 1.00
C LEU A 3 0.90 10.95 2.13
N ILE A 4 0.81 11.87 3.07
CA ILE A 4 -0.15 11.68 4.15
C ILE A 4 -1.19 12.79 4.22
N GLU A 5 -2.45 12.38 4.30
CA GLU A 5 -3.57 13.31 4.41
C GLU A 5 -4.50 12.81 5.51
N GLY A 6 -4.98 13.69 6.35
CA GLY A 6 -5.90 13.26 7.40
C GLY A 6 -5.34 12.11 8.24
N ASN A 7 -5.68 10.87 7.85
CA ASN A 7 -5.22 9.69 8.59
C ASN A 7 -4.79 8.55 7.66
N ARG A 8 -5.02 8.71 6.36
CA ARG A 8 -4.66 7.70 5.37
C ARG A 8 -3.50 8.20 4.50
N THR A 9 -2.54 7.33 4.21
CA THR A 9 -1.41 7.69 3.36
C THR A 9 -1.40 6.79 2.13
N ILE A 10 -1.13 7.37 0.98
CA ILE A 10 -1.02 6.62 -0.26
C ILE A 10 0.42 6.60 -0.73
N ILE A 11 0.89 5.43 -1.20
CA ILE A 11 2.25 5.35 -1.70
C ILE A 11 2.26 4.96 -3.15
N ARG A 12 2.95 5.77 -3.93
CA ARG A 12 3.08 5.54 -5.36
C ARG A 12 4.24 4.58 -5.59
N ASN A 13 4.21 3.45 -4.88
CA ASN A 13 5.26 2.46 -5.00
C ASN A 13 4.96 1.47 -6.11
N PHE A 14 4.29 1.95 -7.14
CA PHE A 14 3.91 1.12 -8.27
C PHE A 14 5.01 0.18 -8.75
N ARG A 15 6.26 0.62 -8.86
CA ARG A 15 7.32 -0.29 -9.34
C ARG A 15 7.21 -1.68 -8.68
N GLU A 16 7.62 -1.73 -7.42
CA GLU A 16 7.55 -2.96 -6.64
C GLU A 16 6.15 -3.56 -6.76
N LEU A 17 5.16 -2.70 -6.57
CA LEU A 17 3.76 -3.10 -6.65
C LEU A 17 3.49 -3.92 -7.91
N ALA A 18 3.92 -3.44 -9.07
CA ALA A 18 3.73 -4.13 -10.34
C ALA A 18 4.16 -5.58 -10.19
N LYS A 19 5.40 -5.77 -9.78
CA LYS A 19 5.88 -7.13 -9.56
C LYS A 19 4.88 -7.84 -8.65
N ALA A 20 4.53 -7.14 -7.59
CA ALA A 20 3.57 -7.63 -6.62
C ALA A 20 2.29 -8.10 -7.28
N VAL A 21 1.70 -7.29 -8.16
CA VAL A 21 0.44 -7.67 -8.80
C VAL A 21 0.52 -9.06 -9.38
N ASN A 22 1.57 -9.32 -10.17
CA ASN A 22 1.75 -10.66 -10.72
C ASN A 22 1.61 -11.69 -9.61
N ARG A 23 2.06 -11.32 -8.41
CA ARG A 23 1.96 -12.21 -7.25
C ARG A 23 0.93 -11.69 -6.23
N ASP A 24 -0.06 -10.94 -6.70
CA ASP A 24 -1.10 -10.34 -5.85
C ASP A 24 -0.64 -9.00 -5.29
N GLU A 25 -0.71 -7.98 -6.15
CA GLU A 25 -0.35 -6.61 -5.75
C GLU A 25 -1.19 -6.26 -4.57
N GLU A 26 -2.45 -6.64 -4.70
CA GLU A 26 -3.42 -6.42 -3.64
C GLU A 26 -2.82 -6.91 -2.34
N PHE A 27 -2.29 -8.13 -2.39
CA PHE A 27 -1.65 -8.75 -1.26
C PHE A 27 -0.61 -7.83 -0.64
N PHE A 28 0.27 -7.24 -1.47
CA PHE A 28 1.30 -6.39 -0.90
C PHE A 28 0.74 -5.25 -0.05
N ALA A 29 -0.05 -4.32 -0.63
CA ALA A 29 -0.54 -3.21 0.17
C ALA A 29 -0.94 -3.74 1.54
N LYS A 30 -1.69 -4.83 1.57
CA LYS A 30 -2.04 -5.43 2.85
C LYS A 30 -0.79 -5.48 3.76
N TYR A 31 0.32 -5.98 3.19
CA TYR A 31 1.62 -6.10 3.88
C TYR A 31 1.98 -4.86 4.66
N LEU A 32 2.22 -3.76 3.95
CA LEU A 32 2.59 -2.52 4.63
C LEU A 32 1.70 -2.32 5.85
N LEU A 33 0.41 -2.52 5.64
CA LEU A 33 -0.57 -2.42 6.72
C LEU A 33 -0.18 -3.41 7.81
N LYS A 34 0.09 -4.65 7.40
CA LYS A 34 0.51 -5.69 8.32
C LYS A 34 1.62 -5.15 9.22
N GLU A 35 2.60 -4.52 8.59
CA GLU A 35 3.73 -3.96 9.31
C GLU A 35 3.25 -2.92 10.34
N THR A 36 2.42 -2.00 9.88
CA THR A 36 1.89 -0.95 10.75
C THR A 36 0.94 -1.54 11.78
N GLY A 37 -0.23 -1.99 11.34
CA GLY A 37 -1.19 -2.57 12.24
C GLY A 37 -2.58 -1.96 12.11
N SER A 38 -2.63 -0.65 11.85
CA SER A 38 -3.89 0.05 11.70
C SER A 38 -4.77 -0.60 10.62
N ALA A 39 -4.66 -0.11 9.38
CA ALA A 39 -5.45 -0.67 8.28
C ALA A 39 -4.77 -0.37 6.95
N GLY A 40 -4.95 -1.23 5.96
CA GLY A 40 -4.32 -0.99 4.67
C GLY A 40 -5.28 -1.10 3.49
N ASN A 41 -4.92 -0.40 2.42
CA ASN A 41 -5.71 -0.39 1.18
C ASN A 41 -4.80 -0.67 0.00
N LEU A 42 -5.25 -1.50 -0.92
CA LEU A 42 -4.48 -1.82 -2.12
C LEU A 42 -5.15 -1.28 -3.38
N GLU A 43 -4.35 -0.72 -4.28
CA GLU A 43 -4.86 -0.22 -5.55
C GLU A 43 -4.02 -0.83 -6.66
N GLY A 44 -4.63 -1.24 -7.76
CA GLY A 44 -3.87 -1.80 -8.87
C GLY A 44 -2.84 -0.83 -9.47
N GLY A 45 -1.78 -0.49 -8.72
CA GLY A 45 -0.74 0.39 -9.26
C GLY A 45 0.09 1.09 -8.20
N ARG A 46 -0.55 1.33 -7.11
CA ARG A 46 -0.01 2.00 -5.96
C ARG A 46 -0.41 1.18 -4.74
N LEU A 47 0.48 1.13 -3.78
CA LEU A 47 0.16 0.44 -2.51
C LEU A 47 -0.05 1.55 -1.47
N ILE A 48 -1.10 1.40 -0.67
CA ILE A 48 -1.44 2.40 0.35
C ILE A 48 -1.37 1.83 1.75
N LEU A 49 -0.82 2.61 2.67
CA LEU A 49 -0.77 2.23 4.07
C LEU A 49 -1.45 3.30 4.91
N GLN A 50 -2.25 2.86 5.86
CA GLN A 50 -2.93 3.79 6.75
C GLN A 50 -2.53 3.53 8.19
N ARG A 51 -1.68 4.44 8.71
CA ARG A 51 -1.20 4.32 10.08
C ARG A 51 -2.17 4.99 11.05
N ARG A 52 -1.98 4.72 12.34
CA ARG A 52 -2.84 5.29 13.38
C ARG A 52 -2.51 6.75 13.61
N GLU A 1 7.73 6.80 -1.90
CA GLU A 1 6.75 7.88 -2.02
C GLU A 1 5.57 7.64 -1.08
N ILE A 2 5.59 8.31 0.07
CA ILE A 2 4.51 8.19 1.05
C ILE A 2 3.90 9.55 1.34
N LEU A 3 2.58 9.63 1.33
CA LEU A 3 1.90 10.90 1.62
C LEU A 3 0.82 10.67 2.67
N ILE A 4 0.75 11.54 3.68
CA ILE A 4 -0.27 11.38 4.69
C ILE A 4 -1.20 12.60 4.75
N GLU A 5 -2.49 12.32 4.73
CA GLU A 5 -3.52 13.35 4.81
C GLU A 5 -4.57 12.88 5.80
N GLY A 6 -5.04 13.75 6.68
CA GLY A 6 -6.08 13.34 7.62
C GLY A 6 -5.67 12.12 8.45
N ASN A 7 -6.00 10.92 7.94
CA ASN A 7 -5.67 9.68 8.65
C ASN A 7 -5.27 8.54 7.69
N ARG A 8 -5.38 8.77 6.39
CA ARG A 8 -5.03 7.77 5.38
C ARG A 8 -3.80 8.22 4.60
N THR A 9 -2.88 7.29 4.34
CA THR A 9 -1.69 7.59 3.56
C THR A 9 -1.63 6.68 2.33
N ILE A 10 -1.26 7.25 1.19
CA ILE A 10 -1.11 6.48 -0.04
C ILE A 10 0.36 6.38 -0.43
N ILE A 11 0.80 5.20 -0.88
CA ILE A 11 2.17 5.05 -1.33
C ILE A 11 2.24 4.62 -2.78
N ARG A 12 3.04 5.36 -3.53
CA ARG A 12 3.23 5.10 -4.95
C ARG A 12 4.30 4.04 -5.15
N ASN A 13 4.08 2.87 -4.56
CA ASN A 13 5.02 1.77 -4.68
C ASN A 13 4.76 0.97 -5.95
N PHE A 14 4.03 1.58 -6.87
CA PHE A 14 3.67 0.94 -8.12
C PHE A 14 4.79 0.15 -8.80
N ARG A 15 6.01 0.64 -8.88
CA ARG A 15 7.06 -0.15 -9.56
C ARG A 15 7.22 -1.57 -8.94
N GLU A 16 7.87 -1.63 -7.76
CA GLU A 16 8.07 -2.89 -7.07
C GLU A 16 6.76 -3.62 -6.92
N LEU A 17 5.77 -2.88 -6.43
CA LEU A 17 4.42 -3.39 -6.25
C LEU A 17 3.93 -4.12 -7.50
N ALA A 18 4.12 -3.48 -8.65
CA ALA A 18 3.69 -4.02 -9.93
C ALA A 18 4.11 -5.45 -10.04
N LYS A 19 5.39 -5.71 -9.81
CA LYS A 19 5.86 -7.10 -9.82
C LYS A 19 4.92 -7.90 -8.92
N ALA A 20 4.70 -7.34 -7.74
CA ALA A 20 3.81 -7.91 -6.76
C ALA A 20 2.45 -8.23 -7.36
N VAL A 21 1.83 -7.29 -8.08
CA VAL A 21 0.51 -7.55 -8.64
C VAL A 21 0.47 -8.87 -9.36
N ASN A 22 1.44 -9.13 -10.23
CA ASN A 22 1.51 -10.42 -10.91
C ASN A 22 1.39 -11.51 -9.86
N ARG A 23 1.95 -11.25 -8.68
CA ARG A 23 1.90 -12.20 -7.56
C ARG A 23 0.88 -11.76 -6.50
N ASP A 24 -0.11 -10.94 -6.90
CA ASP A 24 -1.15 -10.41 -6.00
C ASP A 24 -0.70 -9.12 -5.34
N GLU A 25 -0.83 -8.03 -6.10
CA GLU A 25 -0.49 -6.69 -5.61
C GLU A 25 -1.25 -6.48 -4.34
N GLU A 26 -2.50 -6.89 -4.42
CA GLU A 26 -3.42 -6.78 -3.30
C GLU A 26 -2.74 -7.27 -2.03
N PHE A 27 -2.17 -8.46 -2.14
CA PHE A 27 -1.47 -9.08 -1.03
C PHE A 27 -0.37 -8.17 -0.48
N PHE A 28 0.47 -7.62 -1.37
CA PHE A 28 1.55 -6.79 -0.87
C PHE A 28 1.06 -5.64 0.03
N ALA A 29 0.27 -4.69 -0.48
CA ALA A 29 -0.16 -3.58 0.36
C ALA A 29 -0.51 -4.11 1.73
N LYS A 30 -1.26 -5.21 1.76
CA LYS A 30 -1.60 -5.86 3.02
C LYS A 30 -0.36 -5.89 3.91
N TYR A 31 0.76 -6.31 3.33
CA TYR A 31 2.06 -6.38 4.03
C TYR A 31 2.41 -5.05 4.68
N LEU A 32 2.65 -4.04 3.85
CA LEU A 32 2.99 -2.71 4.36
C LEU A 32 2.07 -2.36 5.51
N LEU A 33 0.78 -2.56 5.30
CA LEU A 33 -0.23 -2.31 6.31
C LEU A 33 0.11 -3.11 7.55
N LYS A 34 0.40 -4.40 7.36
CA LYS A 34 0.77 -5.27 8.46
C LYS A 34 1.85 -4.59 9.29
N GLU A 35 2.87 -4.08 8.61
CA GLU A 35 3.97 -3.39 9.27
C GLU A 35 3.47 -2.32 10.24
N THR A 36 2.56 -1.47 9.77
CA THR A 36 2.02 -0.40 10.60
C THR A 36 1.09 -0.95 11.69
N GLY A 37 -0.09 -1.43 11.28
CA GLY A 37 -1.03 -1.97 12.24
C GLY A 37 -2.34 -1.20 12.27
N SER A 38 -3.17 -1.40 11.25
CA SER A 38 -4.46 -0.72 11.17
C SER A 38 -5.29 -1.31 10.02
N ALA A 39 -5.30 -0.64 8.86
CA ALA A 39 -6.06 -1.15 7.71
C ALA A 39 -5.37 -0.73 6.41
N GLY A 40 -5.30 -1.63 5.44
CA GLY A 40 -4.64 -1.27 4.19
C GLY A 40 -5.44 -1.59 2.94
N ASN A 41 -5.32 -0.72 1.94
CA ASN A 41 -6.02 -0.89 0.67
C ASN A 41 -5.05 -0.71 -0.50
N LEU A 42 -5.15 -1.56 -1.52
CA LEU A 42 -4.30 -1.43 -2.70
C LEU A 42 -5.16 -1.28 -3.96
N GLU A 43 -4.77 -0.37 -4.85
CA GLU A 43 -5.52 -0.19 -6.09
C GLU A 43 -4.57 -0.22 -7.28
N GLY A 44 -4.94 -0.92 -8.34
CA GLY A 44 -4.11 -0.96 -9.53
C GLY A 44 -2.72 -1.54 -9.29
N GLY A 45 -1.86 -0.78 -8.60
CA GLY A 45 -0.50 -1.25 -8.34
C GLY A 45 0.25 -0.39 -7.33
N ARG A 46 -0.48 0.44 -6.68
CA ARG A 46 -0.04 1.32 -5.64
C ARG A 46 -0.51 0.71 -4.35
N LEU A 47 0.34 0.81 -3.35
CA LEU A 47 0.02 0.31 -2.02
C LEU A 47 -0.31 1.49 -1.12
N ILE A 48 -1.36 1.35 -0.33
CA ILE A 48 -1.77 2.38 0.60
C ILE A 48 -1.86 1.78 1.99
N LEU A 49 -1.35 2.52 2.96
CA LEU A 49 -1.41 2.10 4.34
C LEU A 49 -2.15 3.16 5.14
N GLN A 50 -3.02 2.72 6.00
CA GLN A 50 -3.77 3.63 6.85
C GLN A 50 -3.47 3.34 8.31
N ARG A 51 -2.65 4.22 8.88
CA ARG A 51 -2.24 4.09 10.28
C ARG A 51 -3.28 4.69 11.21
N ARG A 52 -2.95 4.75 12.50
CA ARG A 52 -3.87 5.30 13.49
C ARG A 52 -3.64 6.80 13.66
N GLU A 1 7.53 9.45 -1.24
CA GLU A 1 6.44 8.97 -2.07
C GLU A 1 5.19 8.67 -1.22
N ILE A 2 5.26 9.01 0.06
CA ILE A 2 4.14 8.78 0.97
C ILE A 2 3.48 10.11 1.34
N LEU A 3 2.15 10.14 1.30
CA LEU A 3 1.41 11.35 1.65
C LEU A 3 0.30 11.00 2.64
N ILE A 4 0.16 11.80 3.69
CA ILE A 4 -0.89 11.55 4.66
C ILE A 4 -1.98 12.61 4.59
N GLU A 5 -3.22 12.15 4.54
CA GLU A 5 -4.39 13.02 4.51
C GLU A 5 -5.41 12.46 5.49
N GLY A 6 -6.04 13.32 6.28
CA GLY A 6 -7.05 12.84 7.20
C GLY A 6 -6.52 11.73 8.12
N ASN A 7 -6.68 10.46 7.70
CA ASN A 7 -6.23 9.33 8.50
C ASN A 7 -5.63 8.20 7.66
N ARG A 8 -5.70 8.33 6.33
CA ARG A 8 -5.17 7.33 5.41
C ARG A 8 -4.02 7.93 4.60
N THR A 9 -2.94 7.17 4.42
CA THR A 9 -1.81 7.61 3.62
C THR A 9 -1.65 6.71 2.40
N ILE A 10 -1.37 7.30 1.26
CA ILE A 10 -1.15 6.54 0.03
C ILE A 10 0.29 6.70 -0.43
N ILE A 11 0.93 5.61 -0.86
CA ILE A 11 2.29 5.71 -1.37
C ILE A 11 2.40 5.12 -2.77
N ARG A 12 2.95 5.95 -3.66
CA ARG A 12 3.13 5.59 -5.04
C ARG A 12 4.26 4.59 -5.20
N ASN A 13 4.07 3.39 -4.66
CA ASN A 13 5.09 2.35 -4.75
C ASN A 13 4.86 1.50 -5.99
N PHE A 14 4.16 2.06 -6.96
CA PHE A 14 3.82 1.34 -8.19
C PHE A 14 4.98 0.53 -8.78
N ARG A 15 6.20 1.03 -8.86
CA ARG A 15 7.26 0.20 -9.46
C ARG A 15 7.27 -1.24 -8.87
N GLU A 16 7.78 -1.35 -7.65
CA GLU A 16 7.84 -2.61 -6.94
C GLU A 16 6.45 -3.25 -6.93
N LEU A 17 5.45 -2.45 -6.57
CA LEU A 17 4.07 -2.90 -6.51
C LEU A 17 3.68 -3.65 -7.78
N ALA A 18 3.98 -3.08 -8.94
CA ALA A 18 3.66 -3.68 -10.23
C ALA A 18 4.13 -5.13 -10.22
N LYS A 19 5.40 -5.32 -9.93
CA LYS A 19 5.93 -6.68 -9.84
C LYS A 19 5.00 -7.48 -8.92
N ALA A 20 4.73 -6.86 -7.78
CA ALA A 20 3.85 -7.42 -6.78
C ALA A 20 2.52 -7.87 -7.40
N VAL A 21 1.86 -7.00 -8.18
CA VAL A 21 0.58 -7.36 -8.75
C VAL A 21 0.63 -8.71 -9.40
N ASN A 22 1.62 -8.93 -10.27
CA ASN A 22 1.78 -10.22 -10.90
C ASN A 22 1.71 -11.31 -9.84
N ARG A 23 2.23 -11.00 -8.66
CA ARG A 23 2.22 -11.94 -7.54
C ARG A 23 1.19 -11.53 -6.46
N ASP A 24 0.18 -10.75 -6.85
CA ASP A 24 -0.86 -10.25 -5.93
C ASP A 24 -0.46 -8.92 -5.34
N GLU A 25 -0.65 -7.86 -6.13
CA GLU A 25 -0.35 -6.50 -5.69
C GLU A 25 -1.16 -6.24 -4.46
N GLU A 26 -2.40 -6.68 -4.55
CA GLU A 26 -3.34 -6.52 -3.46
C GLU A 26 -2.72 -7.02 -2.17
N PHE A 27 -2.17 -8.23 -2.25
CA PHE A 27 -1.51 -8.86 -1.14
C PHE A 27 -0.45 -7.95 -0.56
N PHE A 28 0.43 -7.39 -1.40
CA PHE A 28 1.49 -6.57 -0.87
C PHE A 28 0.99 -5.39 -0.01
N ALA A 29 0.24 -4.42 -0.57
CA ALA A 29 -0.18 -3.29 0.25
C ALA A 29 -0.59 -3.81 1.62
N LYS A 30 -1.38 -4.88 1.65
CA LYS A 30 -1.74 -5.47 2.93
C LYS A 30 -0.49 -5.55 3.82
N TYR A 31 0.60 -6.06 3.25
CA TYR A 31 1.90 -6.18 3.94
C TYR A 31 2.22 -4.91 4.70
N LEU A 32 2.19 -3.78 3.99
CA LEU A 32 2.45 -2.50 4.63
C LEU A 32 1.68 -2.45 5.94
N LEU A 33 0.40 -2.82 5.85
CA LEU A 33 -0.47 -2.89 7.02
C LEU A 33 0.13 -3.88 8.01
N LYS A 34 0.50 -5.06 7.49
CA LYS A 34 1.10 -6.09 8.33
C LYS A 34 2.18 -5.46 9.19
N GLU A 35 3.04 -4.66 8.56
CA GLU A 35 4.11 -3.98 9.26
C GLU A 35 3.57 -3.08 10.37
N THR A 36 2.85 -2.03 9.97
CA THR A 36 2.26 -1.10 10.94
C THR A 36 1.32 -1.83 11.90
N GLY A 37 0.18 -2.27 11.41
CA GLY A 37 -0.77 -2.98 12.25
C GLY A 37 -2.20 -2.51 12.08
N SER A 38 -2.37 -1.28 11.60
CA SER A 38 -3.71 -0.73 11.41
C SER A 38 -4.44 -1.44 10.26
N ALA A 39 -4.42 -0.86 9.05
CA ALA A 39 -5.10 -1.49 7.91
C ALA A 39 -4.53 -0.99 6.60
N GLY A 40 -4.36 -1.89 5.62
CA GLY A 40 -3.80 -1.46 4.34
C GLY A 40 -4.63 -1.88 3.14
N ASN A 41 -4.65 -1.02 2.12
CA ASN A 41 -5.42 -1.26 0.90
C ASN A 41 -4.55 -1.01 -0.34
N LEU A 42 -4.67 -1.88 -1.35
CA LEU A 42 -3.94 -1.70 -2.60
C LEU A 42 -4.91 -1.30 -3.71
N GLU A 43 -4.53 -0.33 -4.53
CA GLU A 43 -5.39 0.07 -5.64
C GLU A 43 -4.60 0.15 -6.93
N GLY A 44 -5.13 -0.37 -8.02
CA GLY A 44 -4.44 -0.27 -9.30
C GLY A 44 -2.98 -0.75 -9.28
N GLY A 45 -2.09 0.03 -8.66
CA GLY A 45 -0.66 -0.35 -8.62
C GLY A 45 0.17 0.42 -7.60
N ARG A 46 -0.53 1.13 -6.78
CA ARG A 46 0.00 1.91 -5.70
C ARG A 46 -0.34 1.14 -4.45
N LEU A 47 0.55 1.24 -3.49
CA LEU A 47 0.34 0.61 -2.19
C LEU A 47 -0.05 1.69 -1.19
N ILE A 48 -1.05 1.41 -0.37
CA ILE A 48 -1.50 2.37 0.62
C ILE A 48 -1.44 1.76 2.01
N LEU A 49 -0.97 2.56 2.96
CA LEU A 49 -0.92 2.16 4.34
C LEU A 49 -1.69 3.16 5.16
N GLN A 50 -2.49 2.65 6.08
CA GLN A 50 -3.26 3.50 6.96
C GLN A 50 -2.87 3.23 8.40
N ARG A 51 -2.11 4.16 8.96
CA ARG A 51 -1.63 4.04 10.33
C ARG A 51 -2.58 4.74 11.29
N ARG A 52 -2.49 6.07 11.36
CA ARG A 52 -3.35 6.85 12.24
C ARG A 52 -3.05 8.34 12.11
N GLU A 1 7.16 9.75 -1.87
CA GLU A 1 6.41 8.58 -2.32
C GLU A 1 5.21 8.33 -1.43
N ILE A 2 5.31 8.75 -0.17
CA ILE A 2 4.23 8.57 0.79
C ILE A 2 3.62 9.91 1.18
N LEU A 3 2.29 9.98 1.18
CA LEU A 3 1.61 11.22 1.56
C LEU A 3 0.52 10.90 2.58
N ILE A 4 0.45 11.69 3.65
CA ILE A 4 -0.60 11.45 4.64
C ILE A 4 -1.54 12.63 4.77
N GLU A 5 -2.84 12.32 4.74
CA GLU A 5 -3.88 13.32 4.88
C GLU A 5 -4.91 12.77 5.87
N GLY A 6 -5.39 13.59 6.79
CA GLY A 6 -6.40 13.13 7.73
C GLY A 6 -5.97 11.87 8.47
N ASN A 7 -6.31 10.70 7.94
CA ASN A 7 -5.95 9.43 8.59
C ASN A 7 -5.54 8.34 7.58
N ARG A 8 -5.67 8.63 6.29
CA ARG A 8 -5.30 7.69 5.23
C ARG A 8 -4.11 8.23 4.44
N THR A 9 -3.17 7.36 4.11
CA THR A 9 -2.00 7.74 3.32
C THR A 9 -1.93 6.91 2.05
N ILE A 10 -1.62 7.57 0.95
CA ILE A 10 -1.46 6.89 -0.33
C ILE A 10 0.01 6.88 -0.73
N ILE A 11 0.49 5.74 -1.24
CA ILE A 11 1.87 5.67 -1.68
C ILE A 11 1.97 5.19 -3.12
N ARG A 12 2.75 5.94 -3.89
CA ARG A 12 2.97 5.63 -5.29
C ARG A 12 4.05 4.56 -5.41
N ASN A 13 3.80 3.41 -4.80
CA ASN A 13 4.75 2.31 -4.83
C ASN A 13 4.56 1.45 -6.07
N PHE A 14 3.92 2.02 -7.09
CA PHE A 14 3.65 1.30 -8.31
C PHE A 14 4.82 0.47 -8.82
N ARG A 15 6.05 0.96 -8.83
CA ARG A 15 7.16 0.15 -9.35
C ARG A 15 7.19 -1.25 -8.70
N GLU A 16 7.64 -1.29 -7.44
CA GLU A 16 7.70 -2.53 -6.68
C GLU A 16 6.34 -3.22 -6.76
N LEU A 17 5.30 -2.46 -6.52
CA LEU A 17 3.94 -2.96 -6.55
C LEU A 17 3.69 -3.75 -7.83
N ALA A 18 4.07 -3.21 -8.98
CA ALA A 18 3.89 -3.87 -10.26
C ALA A 18 4.38 -5.30 -10.18
N LYS A 19 5.63 -5.46 -9.79
CA LYS A 19 6.17 -6.81 -9.61
C LYS A 19 5.18 -7.58 -8.73
N ALA A 20 4.82 -6.93 -7.64
CA ALA A 20 3.86 -7.47 -6.70
C ALA A 20 2.59 -7.95 -7.39
N VAL A 21 2.00 -7.14 -8.27
CA VAL A 21 0.76 -7.54 -8.93
C VAL A 21 0.88 -8.91 -9.51
N ASN A 22 1.95 -9.16 -10.26
CA ASN A 22 2.17 -10.48 -10.82
C ASN A 22 2.03 -11.52 -9.70
N ARG A 23 2.45 -11.14 -8.50
CA ARG A 23 2.34 -12.02 -7.35
C ARG A 23 1.27 -11.53 -6.35
N ASP A 24 0.27 -10.81 -6.86
CA ASP A 24 -0.81 -10.24 -6.04
C ASP A 24 -0.41 -8.90 -5.46
N GLU A 25 -0.48 -7.87 -6.31
CA GLU A 25 -0.16 -6.50 -5.91
C GLU A 25 -1.04 -6.16 -4.76
N GLU A 26 -2.29 -6.55 -4.92
CA GLU A 26 -3.29 -6.31 -3.90
C GLU A 26 -2.78 -6.81 -2.56
N PHE A 27 -2.32 -8.05 -2.59
CA PHE A 27 -1.77 -8.71 -1.42
C PHE A 27 -0.68 -7.86 -0.79
N PHE A 28 0.28 -7.38 -1.61
CA PHE A 28 1.37 -6.60 -1.04
C PHE A 28 0.89 -5.41 -0.19
N ALA A 29 0.19 -4.42 -0.78
CA ALA A 29 -0.22 -3.28 0.00
C ALA A 29 -0.68 -3.77 1.36
N LYS A 30 -1.50 -4.81 1.36
CA LYS A 30 -1.95 -5.40 2.62
C LYS A 30 -0.75 -5.53 3.57
N TYR A 31 0.36 -6.09 3.05
CA TYR A 31 1.61 -6.27 3.81
C TYR A 31 1.96 -5.02 4.57
N LEU A 32 2.03 -3.90 3.87
CA LEU A 32 2.36 -2.63 4.51
C LEU A 32 1.56 -2.52 5.79
N LEU A 33 0.27 -2.81 5.67
CA LEU A 33 -0.63 -2.79 6.81
C LEU A 33 -0.17 -3.85 7.80
N LYS A 34 0.07 -5.06 7.30
CA LYS A 34 0.54 -6.15 8.14
C LYS A 34 1.72 -5.69 8.97
N GLU A 35 2.68 -5.05 8.31
CA GLU A 35 3.87 -4.54 8.98
C GLU A 35 3.50 -3.63 10.13
N THR A 36 2.63 -2.66 9.86
CA THR A 36 2.20 -1.71 10.88
C THR A 36 1.23 -2.36 11.88
N GLY A 37 0.02 -2.66 11.40
CA GLY A 37 -0.97 -3.28 12.27
C GLY A 37 -2.32 -2.59 12.20
N SER A 38 -2.31 -1.27 11.99
CA SER A 38 -3.55 -0.50 11.91
C SER A 38 -4.46 -1.05 10.81
N ALA A 39 -4.50 -0.39 9.65
CA ALA A 39 -5.33 -0.86 8.55
C ALA A 39 -4.65 -0.55 7.23
N GLY A 40 -4.88 -1.38 6.21
CA GLY A 40 -4.24 -1.14 4.93
C GLY A 40 -5.19 -1.19 3.75
N ASN A 41 -4.80 -0.51 2.68
CA ASN A 41 -5.59 -0.45 1.45
C ASN A 41 -4.70 -0.79 0.27
N LEU A 42 -5.21 -1.58 -0.66
CA LEU A 42 -4.46 -1.93 -1.87
C LEU A 42 -5.20 -1.46 -3.12
N GLU A 43 -4.45 -0.90 -4.06
CA GLU A 43 -5.01 -0.45 -5.33
C GLU A 43 -4.19 -1.05 -6.45
N GLY A 44 -4.81 -1.50 -7.52
CA GLY A 44 -4.05 -2.04 -8.64
C GLY A 44 -3.00 -1.09 -9.25
N GLY A 45 -1.93 -0.77 -8.51
CA GLY A 45 -0.87 0.10 -9.07
C GLY A 45 -0.14 0.97 -8.06
N ARG A 46 -0.78 1.13 -6.94
CA ARG A 46 -0.32 1.93 -5.83
C ARG A 46 -0.58 1.13 -4.56
N LEU A 47 0.31 1.26 -3.62
CA LEU A 47 0.15 0.61 -2.31
C LEU A 47 -0.21 1.72 -1.34
N ILE A 48 -1.18 1.47 -0.48
CA ILE A 48 -1.63 2.47 0.50
C ILE A 48 -1.45 1.97 1.93
N LEU A 49 -0.97 2.85 2.80
CA LEU A 49 -0.83 2.53 4.20
C LEU A 49 -1.80 3.39 5.00
N GLN A 50 -2.46 2.77 5.97
CA GLN A 50 -3.41 3.50 6.81
C GLN A 50 -3.00 3.49 8.27
N ARG A 51 -2.51 4.65 8.73
CA ARG A 51 -2.09 4.86 10.11
C ARG A 51 -0.64 4.47 10.35
N ARG A 52 0.09 4.10 9.28
CA ARG A 52 1.49 3.73 9.42
C ARG A 52 2.35 4.99 9.47
#